data_3GOH
#
_entry.id   3GOH
#
_cell.length_a   98.068
_cell.length_b   52.046
_cell.length_c   68.936
_cell.angle_alpha   90.000
_cell.angle_beta   95.290
_cell.angle_gamma   90.000
#
_symmetry.space_group_name_H-M   'C 1 2 1'
#
loop_
_entity.id
_entity.type
_entity.pdbx_description
1 polymer 'Alcohol dehydrogenase, zinc-containing'
2 non-polymer GLYCEROL
3 water water
#
_entity_poly.entity_id   1
_entity_poly.type   'polypeptide(L)'
_entity_poly.pdbx_seq_one_letter_code
;G(MSE)EQHQVWAYQTKTHSVTLNSVDIPALAADDILVQNQAIGINPVDWKFIKANPINWSNGHVPGVDGAGVIVKVGAK
VDSK(MSE)LGRRVAYHTSLKRHGSFAEFTVLNTDRV(MSE)TLPDNLSFERAAALPCPLLTAWQAFEKIPLTKQREVLI
VGFGAVNNLLTQ(MSE)LNNAGYVVDLVSASLSQALAAKRGVRHLYREPSQVTQKYFAIFDAVNSQNAAALVPSLKANGH
IICIQDRIPAPIDPAFTRTISYHEIALGALHDFGDRQDWQIL(MSE)QQGEALLTLIAQGK(MSE)EIAAPDIFRFEQ
(MSE)IEALDHSEQTKLKTVLTLNE
;
_entity_poly.pdbx_strand_id   A
#
# COMPACT_ATOMS: atom_id res chain seq x y z
N GLU A 3 -30.12 1.27 -5.27
CA GLU A 3 -29.89 0.65 -6.58
C GLU A 3 -28.60 1.17 -7.31
N GLN A 4 -28.29 2.46 -7.22
CA GLN A 4 -27.07 2.95 -7.88
C GLN A 4 -26.07 3.45 -6.78
N HIS A 5 -24.83 3.64 -7.20
CA HIS A 5 -23.84 4.31 -6.38
C HIS A 5 -22.93 5.19 -7.22
N GLN A 6 -22.27 6.08 -6.51
CA GLN A 6 -21.37 7.00 -7.11
CA GLN A 6 -21.37 7.01 -7.15
C GLN A 6 -20.00 6.38 -7.29
N VAL A 7 -19.39 6.57 -8.46
CA VAL A 7 -18.06 6.05 -8.85
C VAL A 7 -17.29 7.18 -9.54
N TRP A 8 -15.98 7.05 -9.48
CA TRP A 8 -15.07 7.85 -10.30
C TRP A 8 -14.55 6.94 -11.38
N ALA A 9 -14.98 7.21 -12.59
CA ALA A 9 -14.79 6.33 -13.76
C ALA A 9 -13.74 6.90 -14.69
N TYR A 10 -12.88 6.00 -15.19
CA TYR A 10 -11.72 6.37 -15.98
C TYR A 10 -12.11 6.77 -17.42
N GLN A 11 -11.56 7.88 -17.86
CA GLN A 11 -11.70 8.38 -19.22
C GLN A 11 -10.34 8.20 -19.91
N THR A 12 -10.29 7.27 -20.86
CA THR A 12 -9.08 6.93 -21.57
C THR A 12 -8.52 8.13 -22.37
N LYS A 13 -9.41 8.89 -23.01
CA LYS A 13 -9.00 9.99 -23.88
C LYS A 13 -8.22 11.03 -23.13
N THR A 14 -8.69 11.38 -21.93
CA THR A 14 -8.13 12.52 -21.19
C THR A 14 -7.32 12.08 -19.95
N HIS A 15 -7.18 10.79 -19.75
CA HIS A 15 -6.39 10.23 -18.61
C HIS A 15 -6.84 10.86 -17.30
N SER A 16 -8.14 10.75 -17.03
CA SER A 16 -8.74 11.41 -15.92
C SER A 16 -9.90 10.55 -15.43
N VAL A 17 -10.49 10.99 -14.33
CA VAL A 17 -11.71 10.34 -13.82
C VAL A 17 -12.83 11.37 -13.75
N THR A 18 -14.05 10.88 -13.85
CA THR A 18 -15.23 11.67 -13.78
C THR A 18 -16.26 10.96 -12.92
N LEU A 19 -17.10 11.75 -12.26
CA LEU A 19 -18.08 11.22 -11.34
C LEU A 19 -19.34 10.76 -12.07
N ASN A 20 -19.79 9.55 -11.76
CA ASN A 20 -21.01 9.03 -12.34
C ASN A 20 -21.74 8.14 -11.36
N SER A 21 -23.02 7.89 -11.63
CA SER A 21 -23.84 6.96 -10.86
CA SER A 21 -23.83 6.97 -10.86
C SER A 21 -24.08 5.75 -11.72
N VAL A 22 -23.79 4.59 -11.18
CA VAL A 22 -23.91 3.30 -11.88
C VAL A 22 -24.53 2.27 -10.99
N ASP A 23 -25.04 1.22 -11.60
CA ASP A 23 -25.69 0.18 -10.83
C ASP A 23 -24.71 -0.47 -9.85
N ILE A 24 -25.19 -0.69 -8.64
CA ILE A 24 -24.43 -1.53 -7.73
C ILE A 24 -24.69 -2.97 -8.18
N PRO A 25 -23.61 -3.68 -8.47
CA PRO A 25 -23.63 -5.09 -8.88
C PRO A 25 -24.18 -6.02 -7.79
N ALA A 26 -24.92 -7.04 -8.21
CA ALA A 26 -25.12 -8.25 -7.39
C ALA A 26 -23.75 -8.95 -7.25
N LEU A 27 -23.59 -9.77 -6.20
CA LEU A 27 -22.30 -10.43 -5.83
C LEU A 27 -22.15 -11.91 -6.27
N ALA A 28 -20.93 -12.34 -6.61
CA ALA A 28 -20.62 -13.77 -6.80
C ALA A 28 -20.58 -14.51 -5.45
N ALA A 29 -20.46 -15.84 -5.49
CA ALA A 29 -20.67 -16.64 -4.28
C ALA A 29 -19.66 -16.38 -3.16
N ASP A 30 -18.39 -16.18 -3.53
CA ASP A 30 -17.28 -15.89 -2.62
C ASP A 30 -16.98 -14.39 -2.47
N ASP A 31 -17.84 -13.54 -3.02
CA ASP A 31 -17.69 -12.06 -2.95
C ASP A 31 -18.42 -11.35 -1.77
N ILE A 32 -17.89 -10.18 -1.40
CA ILE A 32 -18.46 -9.30 -0.38
C ILE A 32 -18.53 -7.88 -0.94
N LEU A 33 -19.52 -7.12 -0.49
CA LEU A 33 -19.69 -5.72 -0.84
C LEU A 33 -19.31 -4.87 0.35
N VAL A 34 -18.30 -4.02 0.15
CA VAL A 34 -17.88 -3.11 1.18
C VAL A 34 -18.41 -1.72 0.88
N GLN A 35 -19.01 -1.09 1.88
CA GLN A 35 -19.40 0.28 1.85
C GLN A 35 -18.17 1.11 2.26
N ASN A 36 -17.53 1.75 1.31
CA ASN A 36 -16.32 2.49 1.60
C ASN A 36 -16.59 3.69 2.51
N GLN A 37 -15.72 3.84 3.49
CA GLN A 37 -15.73 4.98 4.37
C GLN A 37 -14.54 5.85 4.18
N ALA A 38 -13.43 5.26 3.75
CA ALA A 38 -12.27 6.08 3.33
C ALA A 38 -11.58 5.34 2.22
N ILE A 39 -10.92 6.11 1.37
CA ILE A 39 -10.33 5.59 0.13
C ILE A 39 -8.91 6.07 0.10
N GLY A 40 -7.96 5.18 -0.09
CA GLY A 40 -6.57 5.52 -0.22
C GLY A 40 -6.25 5.96 -1.62
N ILE A 41 -5.33 6.90 -1.76
CA ILE A 41 -4.72 7.15 -3.05
C ILE A 41 -3.26 6.70 -2.93
N ASN A 42 -2.81 5.91 -3.89
CA ASN A 42 -1.47 5.38 -3.96
C ASN A 42 -0.85 5.85 -5.26
N PRO A 43 0.48 5.96 -5.30
CA PRO A 43 1.13 6.29 -6.56
C PRO A 43 0.69 5.41 -7.73
N VAL A 44 0.46 4.12 -7.53
CA VAL A 44 0.11 3.26 -8.62
C VAL A 44 -1.19 3.75 -9.26
N ASP A 45 -2.09 4.31 -8.44
CA ASP A 45 -3.39 4.81 -8.99
C ASP A 45 -3.20 5.98 -9.95
N TRP A 46 -2.50 7.04 -9.53
CA TRP A 46 -2.29 8.11 -10.47
C TRP A 46 -1.35 7.73 -11.62
N LYS A 47 -0.41 6.79 -11.38
CA LYS A 47 0.47 6.31 -12.47
C LYS A 47 -0.34 5.55 -13.52
N PHE A 48 -1.26 4.68 -13.11
CA PHE A 48 -2.03 3.92 -14.07
C PHE A 48 -3.06 4.85 -14.75
N ILE A 49 -3.57 5.85 -14.03
CA ILE A 49 -4.49 6.81 -14.66
C ILE A 49 -3.76 7.53 -15.81
N LYS A 50 -2.50 7.85 -15.56
CA LYS A 50 -1.69 8.56 -16.56
C LYS A 50 -1.29 7.69 -17.74
N ALA A 51 -0.87 6.46 -17.50
CA ALA A 51 -0.22 5.63 -18.54
C ALA A 51 -1.15 4.54 -19.06
N ASN A 52 -2.23 4.24 -18.35
CA ASN A 52 -3.12 3.11 -18.68
C ASN A 52 -2.42 1.83 -19.15
N PRO A 53 -1.48 1.33 -18.34
CA PRO A 53 -0.61 0.28 -18.79
C PRO A 53 -1.28 -1.06 -18.97
N ILE A 54 -2.42 -1.28 -18.34
CA ILE A 54 -3.11 -2.55 -18.52
C ILE A 54 -4.43 -2.43 -19.29
N ASN A 55 -4.51 -1.38 -20.10
CA ASN A 55 -5.61 -1.18 -21.04
CA ASN A 55 -5.61 -1.21 -21.04
C ASN A 55 -6.97 -1.25 -20.38
N TRP A 56 -7.13 -0.46 -19.33
CA TRP A 56 -8.44 -0.26 -18.77
C TRP A 56 -9.38 0.26 -19.85
N SER A 57 -10.62 -0.21 -19.81
CA SER A 57 -11.71 0.32 -20.59
C SER A 57 -12.18 1.67 -20.03
N ASN A 58 -12.74 2.50 -20.88
CA ASN A 58 -13.45 3.68 -20.41
C ASN A 58 -14.55 3.19 -19.49
N GLY A 59 -14.68 3.85 -18.33
CA GLY A 59 -15.62 3.46 -17.32
C GLY A 59 -15.01 2.71 -16.14
N HIS A 60 -13.80 2.19 -16.33
CA HIS A 60 -13.14 1.45 -15.26
C HIS A 60 -13.03 2.30 -13.99
N VAL A 61 -13.32 1.71 -12.83
CA VAL A 61 -13.20 2.44 -11.57
C VAL A 61 -11.80 2.14 -10.95
N PRO A 62 -10.92 3.16 -10.86
CA PRO A 62 -9.61 2.83 -10.27
C PRO A 62 -9.65 2.68 -8.75
N GLY A 63 -8.46 2.53 -8.15
CA GLY A 63 -8.27 2.61 -6.69
C GLY A 63 -7.94 1.29 -6.06
N VAL A 64 -6.70 1.07 -5.65
CA VAL A 64 -6.35 -0.19 -5.02
C VAL A 64 -6.77 -0.34 -3.53
N ASP A 65 -6.78 0.76 -2.77
CA ASP A 65 -6.91 0.72 -1.33
C ASP A 65 -8.20 1.38 -0.85
N GLY A 66 -8.83 0.75 0.12
CA GLY A 66 -9.92 1.39 0.84
C GLY A 66 -10.14 0.81 2.18
N ALA A 67 -11.14 1.36 2.89
CA ALA A 67 -11.55 0.83 4.14
C ALA A 67 -13.03 1.14 4.36
N GLY A 68 -13.75 0.21 4.95
CA GLY A 68 -15.14 0.48 5.23
C GLY A 68 -15.79 -0.72 5.86
N VAL A 69 -17.09 -0.87 5.61
CA VAL A 69 -17.90 -1.84 6.35
C VAL A 69 -18.53 -2.81 5.39
N ILE A 70 -18.50 -4.10 5.74
CA ILE A 70 -19.10 -5.13 4.90
C ILE A 70 -20.62 -5.10 5.07
N VAL A 71 -21.33 -4.80 3.98
CA VAL A 71 -22.79 -4.59 4.04
C VAL A 71 -23.58 -5.65 3.32
N LYS A 72 -22.93 -6.45 2.48
CA LYS A 72 -23.63 -7.62 1.84
C LYS A 72 -22.61 -8.71 1.51
N VAL A 73 -23.03 -9.98 1.46
CA VAL A 73 -22.10 -11.05 1.19
C VAL A 73 -22.74 -12.04 0.23
N GLY A 74 -21.89 -12.71 -0.53
CA GLY A 74 -22.32 -13.68 -1.54
C GLY A 74 -22.78 -14.94 -0.87
N ALA A 75 -23.34 -15.81 -1.69
CA ALA A 75 -24.04 -17.00 -1.18
C ALA A 75 -23.18 -17.92 -0.33
N LYS A 76 -21.91 -18.12 -0.68
CA LYS A 76 -21.02 -19.03 0.04
C LYS A 76 -20.16 -18.32 1.10
N VAL A 77 -20.44 -17.04 1.36
CA VAL A 77 -19.62 -16.33 2.32
C VAL A 77 -20.23 -16.48 3.70
N ASP A 78 -19.38 -16.66 4.69
CA ASP A 78 -19.81 -16.75 6.07
C ASP A 78 -20.57 -15.48 6.51
N SER A 79 -21.77 -15.66 7.06
CA SER A 79 -22.60 -14.54 7.54
C SER A 79 -21.92 -13.70 8.66
N LYS A 80 -20.93 -14.29 9.33
CA LYS A 80 -20.12 -13.57 10.33
C LYS A 80 -19.36 -12.34 9.75
N LEU A 82 -20.66 -10.08 7.80
CA LEU A 82 -21.54 -8.90 7.74
CA LEU A 82 -21.57 -8.93 7.77
C LEU A 82 -21.27 -7.96 8.91
N GLY A 83 -21.08 -6.69 8.58
CA GLY A 83 -20.93 -5.61 9.57
C GLY A 83 -19.49 -5.36 10.00
N ARG A 84 -18.57 -6.20 9.55
CA ARG A 84 -17.18 -6.06 9.94
CA ARG A 84 -17.15 -6.10 9.87
C ARG A 84 -16.59 -4.80 9.31
N ARG A 85 -15.72 -4.15 10.08
CA ARG A 85 -14.91 -3.03 9.63
C ARG A 85 -13.64 -3.62 9.03
N VAL A 86 -13.36 -3.29 7.78
CA VAL A 86 -12.23 -3.91 7.04
C VAL A 86 -11.42 -2.89 6.25
N ALA A 87 -10.15 -3.25 5.92
CA ALA A 87 -9.37 -2.55 4.94
C ALA A 87 -8.94 -3.53 3.90
N TYR A 88 -8.64 -3.07 2.72
CA TYR A 88 -8.34 -3.95 1.61
C TYR A 88 -7.44 -3.32 0.58
N HIS A 89 -6.73 -4.20 -0.12
CA HIS A 89 -5.94 -3.92 -1.31
C HIS A 89 -6.47 -4.79 -2.42
N THR A 90 -7.13 -4.16 -3.41
CA THR A 90 -7.82 -4.86 -4.42
C THR A 90 -7.03 -4.84 -5.74
N SER A 91 -7.50 -5.64 -6.69
CA SER A 91 -6.83 -5.86 -7.96
C SER A 91 -7.01 -4.66 -8.89
N LEU A 92 -5.96 -4.30 -9.60
CA LEU A 92 -5.99 -3.26 -10.61
C LEU A 92 -6.81 -3.65 -11.83
N LYS A 93 -7.17 -4.91 -11.95
CA LYS A 93 -7.89 -5.38 -13.14
C LYS A 93 -9.37 -5.27 -12.99
N ARG A 94 -9.89 -5.14 -11.76
CA ARG A 94 -11.30 -5.05 -11.51
C ARG A 94 -11.63 -3.66 -10.94
N HIS A 95 -12.94 -3.33 -10.92
CA HIS A 95 -13.37 -2.05 -10.35
C HIS A 95 -12.92 -1.95 -8.90
N GLY A 96 -12.38 -0.79 -8.54
CA GLY A 96 -11.68 -0.64 -7.29
C GLY A 96 -12.36 0.26 -6.27
N SER A 97 -11.52 0.99 -5.50
CA SER A 97 -11.95 1.70 -4.31
C SER A 97 -12.49 3.09 -4.55
N PHE A 98 -12.39 3.60 -5.79
CA PHE A 98 -12.81 5.02 -6.05
C PHE A 98 -14.36 5.04 -6.31
N ALA A 99 -15.10 4.77 -5.26
CA ALA A 99 -16.52 4.44 -5.37
C ALA A 99 -17.14 4.40 -4.00
N GLU A 100 -18.44 4.56 -3.92
CA GLU A 100 -19.11 4.35 -2.67
C GLU A 100 -19.06 2.90 -2.21
N PHE A 101 -19.10 1.95 -3.11
CA PHE A 101 -19.04 0.54 -2.78
C PHE A 101 -18.02 -0.20 -3.68
N THR A 102 -17.42 -1.22 -3.10
CA THR A 102 -16.43 -2.03 -3.80
C THR A 102 -16.73 -3.53 -3.56
N VAL A 103 -16.61 -4.32 -4.60
CA VAL A 103 -16.83 -5.79 -4.53
C VAL A 103 -15.44 -6.42 -4.37
N LEU A 104 -15.31 -7.22 -3.33
CA LEU A 104 -14.07 -7.88 -2.99
CA LEU A 104 -14.06 -7.88 -2.97
C LEU A 104 -14.27 -9.38 -2.78
N ASN A 105 -13.18 -10.12 -2.87
CA ASN A 105 -13.17 -11.53 -2.50
C ASN A 105 -13.06 -11.62 -0.98
N THR A 106 -13.85 -12.50 -0.36
CA THR A 106 -13.91 -12.64 1.09
C THR A 106 -12.61 -13.01 1.80
N ASP A 107 -11.67 -13.66 1.10
CA ASP A 107 -10.38 -14.05 1.67
C ASP A 107 -9.35 -12.93 1.61
N ARG A 108 -9.69 -11.76 1.06
CA ARG A 108 -8.72 -10.75 0.72
C ARG A 108 -8.96 -9.38 1.36
N VAL A 109 -9.45 -9.42 2.57
CA VAL A 109 -9.65 -8.19 3.35
C VAL A 109 -9.07 -8.44 4.75
N THR A 111 -9.56 -7.40 8.83
CA THR A 111 -10.41 -6.80 9.88
C THR A 111 -9.66 -5.70 10.62
N LEU A 112 -10.32 -4.56 10.83
CA LEU A 112 -9.70 -3.45 11.54
C LEU A 112 -9.85 -3.59 13.04
N PRO A 113 -8.82 -3.17 13.76
CA PRO A 113 -9.07 -2.88 15.17
C PRO A 113 -10.19 -1.86 15.34
N ASP A 114 -10.97 -2.04 16.43
CA ASP A 114 -12.14 -1.18 16.64
C ASP A 114 -11.73 0.29 16.78
N ASN A 115 -10.54 0.56 17.26
CA ASN A 115 -10.05 1.94 17.51
C ASN A 115 -9.16 2.51 16.42
N LEU A 116 -9.10 1.83 15.28
CA LEU A 116 -8.41 2.35 14.13
C LEU A 116 -9.44 2.97 13.20
N SER A 117 -9.27 4.25 12.91
CA SER A 117 -10.20 4.96 12.04
C SER A 117 -10.19 4.43 10.65
N PHE A 118 -11.26 4.66 9.91
CA PHE A 118 -11.26 4.33 8.50
C PHE A 118 -10.25 5.13 7.72
N GLU A 119 -10.06 6.39 8.11
CA GLU A 119 -9.12 7.27 7.40
C GLU A 119 -7.65 6.83 7.55
N ARG A 120 -7.30 6.38 8.74
CA ARG A 120 -5.97 5.84 8.96
C ARG A 120 -5.87 4.50 8.27
N ALA A 121 -6.88 3.66 8.40
CA ALA A 121 -6.78 2.38 7.78
C ALA A 121 -6.61 2.41 6.27
N ALA A 122 -7.34 3.33 5.65
CA ALA A 122 -7.30 3.42 4.20
C ALA A 122 -5.91 3.89 3.69
N ALA A 123 -5.12 4.52 4.55
CA ALA A 123 -3.77 4.93 4.19
C ALA A 123 -2.76 3.80 4.25
N LEU A 124 -3.18 2.59 4.56
CA LEU A 124 -2.23 1.54 4.90
C LEU A 124 -2.08 0.32 3.95
N PRO A 125 -3.15 -0.19 3.30
CA PRO A 125 -2.95 -1.54 2.77
C PRO A 125 -1.80 -1.71 1.78
N CYS A 126 -1.68 -0.83 0.78
CA CYS A 126 -0.63 -0.95 -0.21
C CYS A 126 0.74 -0.71 0.47
N PRO A 127 0.93 0.41 1.19
CA PRO A 127 2.31 0.57 1.68
C PRO A 127 2.66 -0.39 2.84
N LEU A 128 1.69 -0.78 3.66
CA LEU A 128 2.01 -1.65 4.78
C LEU A 128 2.28 -3.09 4.31
N LEU A 129 1.49 -3.59 3.40
CA LEU A 129 1.69 -4.95 2.90
C LEU A 129 2.91 -4.99 2.00
N THR A 130 3.17 -3.93 1.25
CA THR A 130 4.36 -3.84 0.42
C THR A 130 5.60 -3.88 1.30
N ALA A 131 5.60 -3.05 2.35
CA ALA A 131 6.73 -3.02 3.32
C ALA A 131 6.92 -4.39 3.92
N TRP A 132 5.84 -5.08 4.34
CA TRP A 132 5.94 -6.38 4.98
C TRP A 132 6.50 -7.44 4.01
N GLN A 133 6.02 -7.43 2.78
CA GLN A 133 6.57 -8.35 1.76
C GLN A 133 8.07 -8.12 1.56
N ALA A 134 8.48 -6.85 1.50
CA ALA A 134 9.87 -6.55 1.27
C ALA A 134 10.70 -6.98 2.49
N PHE A 135 10.20 -6.71 3.68
CA PHE A 135 10.90 -7.09 4.89
C PHE A 135 11.12 -8.59 4.95
N GLU A 136 10.10 -9.35 4.55
CA GLU A 136 10.20 -10.76 4.63
C GLU A 136 11.14 -11.45 3.64
N LYS A 137 11.65 -10.71 2.69
CA LYS A 137 12.57 -11.27 1.71
C LYS A 137 13.99 -11.46 2.24
N ILE A 138 14.35 -10.74 3.31
CA ILE A 138 15.74 -10.57 3.74
CA ILE A 138 15.74 -10.60 3.74
C ILE A 138 16.08 -11.58 4.86
N PRO A 139 17.18 -12.34 4.72
CA PRO A 139 17.58 -13.20 5.83
C PRO A 139 18.21 -12.37 6.95
N LEU A 140 18.23 -12.94 8.14
CA LEU A 140 18.88 -12.33 9.28
C LEU A 140 20.19 -13.14 9.45
N THR A 141 21.30 -12.52 9.13
CA THR A 141 22.63 -13.09 9.26
C THR A 141 23.47 -12.20 10.19
N LYS A 142 24.74 -12.51 10.35
CA LYS A 142 25.58 -11.64 11.15
C LYS A 142 25.85 -10.26 10.49
N GLN A 143 25.62 -10.16 9.18
CA GLN A 143 25.77 -8.90 8.47
C GLN A 143 24.41 -8.18 8.43
N ARG A 144 24.22 -7.21 9.32
CA ARG A 144 22.91 -6.58 9.60
C ARG A 144 22.70 -5.18 9.00
N GLU A 145 23.71 -4.66 8.31
CA GLU A 145 23.62 -3.30 7.74
C GLU A 145 22.87 -3.27 6.43
N VAL A 146 21.82 -2.47 6.39
CA VAL A 146 20.98 -2.33 5.22
C VAL A 146 20.79 -0.87 4.85
N LEU A 147 20.56 -0.64 3.57
CA LEU A 147 20.36 0.73 3.05
C LEU A 147 18.99 0.86 2.41
N ILE A 148 18.25 1.89 2.82
CA ILE A 148 17.00 2.19 2.18
CA ILE A 148 16.95 2.25 2.28
C ILE A 148 17.12 3.48 1.41
N VAL A 149 16.71 3.45 0.15
CA VAL A 149 16.82 4.60 -0.75
C VAL A 149 15.45 5.25 -0.91
N GLY A 150 15.35 6.47 -0.40
CA GLY A 150 14.09 7.22 -0.45
C GLY A 150 13.28 7.09 0.83
N PHE A 151 12.42 8.07 1.06
CA PHE A 151 11.50 8.03 2.14
C PHE A 151 10.15 8.35 1.55
N GLY A 152 9.19 7.59 1.98
CA GLY A 152 7.84 7.62 1.46
C GLY A 152 7.07 6.67 2.34
N ALA A 153 5.80 6.43 2.02
CA ALA A 153 4.93 5.67 2.92
C ALA A 153 5.44 4.21 3.10
N VAL A 154 5.95 3.59 2.06
CA VAL A 154 6.41 2.14 2.17
C VAL A 154 7.67 2.14 3.05
N ASN A 155 8.62 3.00 2.72
CA ASN A 155 9.89 3.02 3.44
C ASN A 155 9.81 3.50 4.87
N ASN A 156 8.83 4.33 5.16
CA ASN A 156 8.55 4.68 6.57
C ASN A 156 8.25 3.43 7.43
N LEU A 157 7.40 2.58 6.92
CA LEU A 157 7.00 1.36 7.61
C LEU A 157 8.13 0.32 7.58
N LEU A 158 8.78 0.18 6.44
CA LEU A 158 9.86 -0.82 6.29
C LEU A 158 11.04 -0.49 7.23
N THR A 159 11.38 0.80 7.36
CA THR A 159 12.43 1.19 8.28
CA THR A 159 12.46 1.16 8.27
C THR A 159 12.17 0.68 9.69
N GLN A 160 10.93 0.86 10.17
CA GLN A 160 10.54 0.43 11.48
C GLN A 160 10.57 -1.10 11.61
N LEU A 162 12.46 -3.19 9.95
CA LEU A 162 13.88 -3.61 9.95
C LEU A 162 14.53 -3.30 11.28
N ASN A 163 14.39 -2.06 11.77
CA ASN A 163 14.97 -1.72 13.02
C ASN A 163 14.46 -2.61 14.14
N ASN A 164 13.16 -2.87 14.18
CA ASN A 164 12.58 -3.74 15.21
CA ASN A 164 12.58 -3.75 15.21
C ASN A 164 13.15 -5.16 15.18
N ALA A 165 13.51 -5.64 14.00
CA ALA A 165 14.07 -7.01 13.82
C ALA A 165 15.58 -7.11 14.11
N GLY A 166 16.24 -5.98 14.34
CA GLY A 166 17.68 -5.99 14.61
C GLY A 166 18.60 -5.59 13.50
N TYR A 167 18.06 -5.08 12.40
CA TYR A 167 18.91 -4.57 11.35
C TYR A 167 19.39 -3.17 11.69
N VAL A 168 20.53 -2.81 11.13
CA VAL A 168 21.11 -1.48 11.26
C VAL A 168 20.77 -0.82 9.94
N VAL A 169 20.00 0.26 9.99
CA VAL A 169 19.39 0.83 8.79
C VAL A 169 19.96 2.21 8.53
N ASP A 170 20.57 2.38 7.37
CA ASP A 170 20.93 3.70 6.88
C ASP A 170 19.91 4.10 5.81
N LEU A 171 19.72 5.39 5.56
CA LEU A 171 18.67 5.87 4.68
C LEU A 171 19.18 7.03 3.86
N VAL A 172 18.83 7.06 2.57
CA VAL A 172 19.10 8.19 1.67
C VAL A 172 17.85 9.02 1.44
N SER A 173 17.91 10.29 1.89
CA SER A 173 16.79 11.20 1.71
C SER A 173 17.29 12.63 1.80
N ALA A 174 16.92 13.42 0.82
CA ALA A 174 17.42 14.81 0.73
C ALA A 174 16.87 15.69 1.86
N SER A 175 15.68 15.38 2.38
CA SER A 175 15.02 16.33 3.31
C SER A 175 14.34 15.73 4.55
N LEU A 176 14.36 14.40 4.72
CA LEU A 176 13.89 13.82 5.98
C LEU A 176 14.57 14.47 7.16
N SER A 177 13.79 14.94 8.15
CA SER A 177 14.50 15.52 9.31
C SER A 177 15.30 14.49 10.11
N GLN A 178 16.40 14.94 10.70
CA GLN A 178 17.22 14.12 11.56
CA GLN A 178 17.22 14.09 11.55
C GLN A 178 16.37 13.53 12.67
N ALA A 179 15.50 14.37 13.23
CA ALA A 179 14.68 13.93 14.34
C ALA A 179 13.73 12.79 13.93
N LEU A 180 13.04 12.94 12.81
CA LEU A 180 12.09 11.87 12.37
C LEU A 180 12.90 10.61 11.99
N ALA A 181 14.00 10.78 11.27
CA ALA A 181 14.85 9.62 10.91
C ALA A 181 15.23 8.82 12.16
N ALA A 182 15.70 9.54 13.17
CA ALA A 182 16.17 8.92 14.39
C ALA A 182 15.01 8.23 15.10
N LYS A 183 13.86 8.88 15.16
CA LYS A 183 12.64 8.28 15.71
C LYS A 183 12.31 6.94 15.05
N ARG A 184 12.54 6.86 13.75
CA ARG A 184 12.12 5.68 12.98
C ARG A 184 13.15 4.59 12.99
N GLY A 185 14.35 4.93 13.45
CA GLY A 185 15.37 3.99 13.80
C GLY A 185 16.56 4.01 12.86
N VAL A 186 16.74 5.13 12.16
CA VAL A 186 17.81 5.27 11.16
C VAL A 186 19.13 5.56 11.78
N ARG A 187 20.17 4.81 11.39
CA ARG A 187 21.53 5.05 11.90
C ARG A 187 22.21 6.21 11.20
N HIS A 188 22.60 6.05 9.94
CA HIS A 188 23.18 7.14 9.13
CA HIS A 188 23.10 7.18 9.18
C HIS A 188 22.12 7.68 8.13
N LEU A 189 21.90 8.98 8.11
CA LEU A 189 21.08 9.62 7.11
C LEU A 189 21.94 10.30 6.07
N TYR A 190 21.90 9.79 4.85
CA TYR A 190 22.59 10.40 3.73
C TYR A 190 21.62 11.30 2.98
N ARG A 191 22.12 12.44 2.50
CA ARG A 191 21.28 13.36 1.78
C ARG A 191 21.37 13.18 0.32
N GLU A 192 22.40 12.49 -0.16
CA GLU A 192 22.34 12.05 -1.55
C GLU A 192 23.12 10.77 -1.80
N PRO A 193 22.75 10.04 -2.87
CA PRO A 193 23.37 8.71 -3.12
C PRO A 193 24.87 8.76 -3.19
N SER A 194 25.42 9.88 -3.66
CA SER A 194 26.87 9.98 -3.80
C SER A 194 27.62 9.93 -2.48
N GLN A 195 26.95 10.25 -1.37
CA GLN A 195 27.58 10.16 -0.06
C GLN A 195 27.75 8.70 0.43
N VAL A 196 27.09 7.74 -0.22
CA VAL A 196 27.18 6.37 0.25
C VAL A 196 28.51 5.71 -0.17
N THR A 197 29.34 5.40 0.81
CA THR A 197 30.64 4.85 0.51
C THR A 197 30.81 3.41 1.02
N GLN A 198 30.05 2.97 2.02
CA GLN A 198 30.26 1.62 2.52
C GLN A 198 29.44 0.59 1.76
N LYS A 199 29.60 -0.69 2.12
CA LYS A 199 28.86 -1.76 1.45
C LYS A 199 27.80 -2.29 2.40
N TYR A 200 26.70 -2.81 1.85
CA TYR A 200 25.58 -3.22 2.65
C TYR A 200 25.21 -4.67 2.36
N PHE A 201 24.58 -5.32 3.33
CA PHE A 201 23.98 -6.64 3.13
C PHE A 201 22.78 -6.61 2.18
N ALA A 202 21.95 -5.56 2.28
CA ALA A 202 20.76 -5.44 1.42
C ALA A 202 20.53 -3.97 1.15
N ILE A 203 20.06 -3.69 -0.06
CA ILE A 203 19.61 -2.36 -0.46
C ILE A 203 18.15 -2.48 -0.93
N PHE A 204 17.31 -1.61 -0.38
CA PHE A 204 15.88 -1.57 -0.74
C PHE A 204 15.72 -0.25 -1.51
N ASP A 205 15.27 -0.32 -2.74
CA ASP A 205 15.20 0.86 -3.61
C ASP A 205 13.89 0.94 -4.36
N ALA A 213 21.56 -2.96 -11.21
CA ALA A 213 22.99 -3.19 -11.46
C ALA A 213 23.90 -2.06 -10.95
N ALA A 214 23.38 -0.84 -10.99
CA ALA A 214 24.07 0.32 -10.41
C ALA A 214 24.35 0.17 -8.91
N LEU A 215 23.58 -0.67 -8.22
CA LEU A 215 23.68 -0.79 -6.76
C LEU A 215 24.73 -1.81 -6.32
N VAL A 216 25.10 -2.68 -7.24
CA VAL A 216 26.04 -3.78 -6.96
C VAL A 216 27.34 -3.37 -6.27
N PRO A 217 27.98 -2.29 -6.72
CA PRO A 217 29.18 -1.86 -6.00
C PRO A 217 28.99 -1.53 -4.53
N SER A 218 27.75 -1.28 -4.11
CA SER A 218 27.48 -1.00 -2.72
C SER A 218 27.02 -2.21 -1.91
N LEU A 219 27.07 -3.40 -2.53
CA LEU A 219 26.61 -4.66 -1.89
C LEU A 219 27.76 -5.58 -1.50
N LYS A 220 27.66 -6.15 -0.31
CA LYS A 220 28.45 -7.29 0.08
C LYS A 220 28.20 -8.45 -0.91
N ALA A 221 29.23 -9.28 -1.11
CA ALA A 221 29.07 -10.43 -2.00
C ALA A 221 27.92 -11.24 -1.45
N ASN A 222 27.12 -11.77 -2.35
CA ASN A 222 25.95 -12.55 -2.00
CA ASN A 222 25.96 -12.59 -1.95
C ASN A 222 24.89 -11.80 -1.19
N GLY A 223 24.88 -10.47 -1.32
CA GLY A 223 23.86 -9.62 -0.75
C GLY A 223 22.55 -9.63 -1.56
N HIS A 224 21.68 -8.67 -1.27
CA HIS A 224 20.29 -8.62 -1.75
C HIS A 224 19.93 -7.24 -2.24
N ILE A 225 19.23 -7.21 -3.37
CA ILE A 225 18.64 -5.96 -3.91
C ILE A 225 17.16 -6.23 -3.89
N ILE A 226 16.40 -5.32 -3.29
CA ILE A 226 14.94 -5.43 -3.20
C ILE A 226 14.37 -4.21 -3.92
N CYS A 227 13.66 -4.49 -4.99
CA CYS A 227 13.10 -3.43 -5.83
C CYS A 227 11.64 -3.34 -5.54
N ILE A 228 11.28 -2.14 -5.06
CA ILE A 228 9.93 -1.79 -4.69
C ILE A 228 9.52 -0.70 -5.70
N GLN A 229 8.75 -1.11 -6.69
CA GLN A 229 8.34 -0.20 -7.76
C GLN A 229 6.92 -0.45 -8.13
N ASP A 230 6.30 0.55 -8.76
CA ASP A 230 4.96 0.37 -9.35
C ASP A 230 5.05 -0.16 -10.77
N ARG A 231 6.15 0.15 -11.45
CA ARG A 231 6.49 -0.42 -12.75
C ARG A 231 6.39 -1.94 -12.74
N ARG A 242 24.76 -12.92 -10.72
CA ARG A 242 23.54 -13.52 -10.15
C ARG A 242 23.71 -14.23 -8.79
N THR A 243 24.88 -14.11 -8.15
CA THR A 243 24.98 -14.48 -6.73
C THR A 243 24.50 -13.32 -5.81
N ILE A 244 24.18 -12.18 -6.40
CA ILE A 244 23.36 -11.19 -5.70
C ILE A 244 21.93 -11.61 -5.90
N SER A 245 21.14 -11.64 -4.82
CA SER A 245 19.77 -12.06 -4.93
C SER A 245 18.95 -10.81 -5.25
N TYR A 246 18.18 -10.88 -6.32
CA TYR A 246 17.30 -9.82 -6.70
C TYR A 246 15.87 -10.18 -6.35
N HIS A 247 15.18 -9.28 -5.65
CA HIS A 247 13.81 -9.52 -5.24
C HIS A 247 12.90 -8.41 -5.80
N GLU A 248 11.76 -8.78 -6.33
CA GLU A 248 10.84 -7.79 -6.85
C GLU A 248 9.57 -7.87 -6.07
N ILE A 249 9.15 -6.77 -5.47
CA ILE A 249 7.94 -6.77 -4.67
C ILE A 249 6.83 -6.20 -5.53
N ALA A 250 5.75 -6.94 -5.60
CA ALA A 250 4.57 -6.53 -6.43
C ALA A 250 3.36 -7.07 -5.73
N LEU A 251 2.93 -6.29 -4.77
CA LEU A 251 1.83 -6.69 -3.92
C LEU A 251 0.62 -7.14 -4.75
N GLY A 252 0.31 -6.38 -5.79
CA GLY A 252 -0.91 -6.64 -6.59
C GLY A 252 -0.88 -7.95 -7.31
N ALA A 253 0.32 -8.45 -7.63
CA ALA A 253 0.51 -9.79 -8.22
C ALA A 253 -0.06 -10.96 -7.40
N LEU A 254 -0.21 -10.81 -6.08
CA LEU A 254 -0.83 -11.88 -5.32
C LEU A 254 -2.28 -12.12 -5.76
N HIS A 255 -2.90 -11.11 -6.36
CA HIS A 255 -4.26 -11.31 -6.86
C HIS A 255 -4.27 -12.33 -7.95
N ASP A 256 -3.23 -12.32 -8.79
CA ASP A 256 -3.09 -13.28 -9.89
C ASP A 256 -2.53 -14.62 -9.43
N PHE A 257 -1.59 -14.60 -8.49
CA PHE A 257 -0.77 -15.79 -8.18
C PHE A 257 -0.99 -16.43 -6.82
N GLY A 258 -1.65 -15.72 -5.92
CA GLY A 258 -1.85 -16.18 -4.57
C GLY A 258 -2.96 -17.20 -4.49
N ASP A 259 -2.71 -18.28 -3.78
CA ASP A 259 -3.81 -19.19 -3.54
C ASP A 259 -4.49 -18.79 -2.24
N ARG A 260 -5.50 -19.52 -1.82
CA ARG A 260 -6.29 -19.11 -0.65
C ARG A 260 -5.43 -19.03 0.61
N GLN A 261 -4.50 -19.97 0.75
CA GLN A 261 -3.60 -19.98 1.92
CA GLN A 261 -3.63 -20.00 1.90
C GLN A 261 -2.66 -18.79 1.90
N ASP A 262 -2.16 -18.44 0.72
CA ASP A 262 -1.26 -17.31 0.58
C ASP A 262 -1.95 -16.04 1.09
N TRP A 263 -3.23 -15.89 0.68
CA TRP A 263 -4.05 -14.75 1.13
C TRP A 263 -4.35 -14.79 2.61
N GLN A 264 -4.77 -15.91 3.15
CA GLN A 264 -5.02 -16.03 4.58
C GLN A 264 -3.82 -15.61 5.41
N ILE A 265 -2.63 -16.02 4.99
CA ILE A 265 -1.42 -15.77 5.75
C ILE A 265 -1.15 -14.26 5.74
N LEU A 266 -1.25 -13.69 4.56
CA LEU A 266 -0.96 -12.25 4.43
C LEU A 266 -1.98 -11.41 5.19
N GLN A 268 -3.81 -12.22 7.74
CA GLN A 268 -3.60 -12.36 9.18
C GLN A 268 -2.41 -11.52 9.66
N GLN A 269 -1.33 -11.47 8.86
CA GLN A 269 -0.18 -10.65 9.20
CA GLN A 269 -0.17 -10.65 9.19
C GLN A 269 -0.52 -9.17 9.10
N GLY A 270 -1.27 -8.82 8.08
CA GLY A 270 -1.74 -7.42 7.96
C GLY A 270 -2.58 -7.01 9.17
N GLU A 271 -3.49 -7.87 9.61
CA GLU A 271 -4.32 -7.61 10.82
C GLU A 271 -3.44 -7.39 12.03
N ALA A 272 -2.38 -8.21 12.17
CA ALA A 272 -1.48 -8.06 13.28
C ALA A 272 -0.78 -6.74 13.21
N LEU A 273 -0.38 -6.34 12.01
CA LEU A 273 0.29 -5.08 11.87
C LEU A 273 -0.64 -3.87 12.12
N LEU A 274 -1.86 -3.96 11.62
CA LEU A 274 -2.88 -2.91 11.95
C LEU A 274 -3.04 -2.75 13.45
N THR A 275 -3.04 -3.87 14.18
CA THR A 275 -3.16 -3.86 15.66
C THR A 275 -1.99 -3.09 16.27
N LEU A 276 -0.77 -3.37 15.84
CA LEU A 276 0.40 -2.60 16.29
C LEU A 276 0.28 -1.12 16.02
N ILE A 277 -0.22 -0.75 14.85
CA ILE A 277 -0.43 0.64 14.53
C ILE A 277 -1.52 1.25 15.43
N ALA A 278 -2.63 0.54 15.64
CA ALA A 278 -3.72 1.08 16.48
C ALA A 278 -3.30 1.26 17.94
N GLN A 279 -2.36 0.43 18.38
CA GLN A 279 -1.79 0.47 19.72
C GLN A 279 -0.66 1.51 19.84
N GLY A 280 -0.27 2.16 18.76
CA GLY A 280 0.78 3.19 18.78
C GLY A 280 2.19 2.66 18.71
N LYS A 281 2.35 1.40 18.32
CA LYS A 281 3.64 0.76 18.38
C LYS A 281 4.44 0.90 17.08
N GLU A 283 4.49 3.78 13.83
CA GLU A 283 3.97 5.11 13.57
C GLU A 283 3.83 5.43 12.10
N ILE A 284 2.83 6.26 11.77
CA ILE A 284 2.67 6.79 10.42
CA ILE A 284 2.70 6.82 10.42
C ILE A 284 2.30 8.28 10.54
N ALA A 285 2.70 9.10 9.59
CA ALA A 285 2.17 10.50 9.52
C ALA A 285 0.70 10.42 9.10
N ALA A 286 -0.14 11.28 9.70
CA ALA A 286 -1.55 11.36 9.41
C ALA A 286 -1.76 11.62 7.94
N PRO A 287 -2.69 10.91 7.27
CA PRO A 287 -2.86 11.27 5.84
C PRO A 287 -3.54 12.65 5.68
N ASP A 288 -3.33 13.29 4.55
CA ASP A 288 -4.11 14.47 4.15
C ASP A 288 -5.44 13.98 3.63
N ILE A 289 -6.51 14.55 4.13
CA ILE A 289 -7.86 14.02 3.96
C ILE A 289 -8.69 15.00 3.11
N PHE A 290 -9.21 14.50 2.01
CA PHE A 290 -10.12 15.21 1.11
C PHE A 290 -11.48 14.54 1.19
N ARG A 291 -12.50 15.32 0.88
CA ARG A 291 -13.84 14.76 0.63
C ARG A 291 -13.88 13.97 -0.68
N PHE A 292 -14.69 12.92 -0.67
CA PHE A 292 -14.94 12.06 -1.83
C PHE A 292 -15.27 12.86 -3.09
N GLU A 293 -16.06 13.92 -2.89
CA GLU A 293 -16.44 14.81 -3.98
C GLU A 293 -15.27 15.54 -4.64
N GLN A 294 -14.15 15.69 -3.90
CA GLN A 294 -13.01 16.41 -4.37
C GLN A 294 -11.89 15.51 -4.78
N ILE A 296 -10.72 14.92 -7.76
CA ILE A 296 -9.78 15.43 -8.74
C ILE A 296 -8.65 16.25 -8.05
N GLU A 297 -9.07 17.07 -7.11
CA GLU A 297 -8.12 17.88 -6.30
C GLU A 297 -7.26 16.94 -5.47
N ALA A 298 -7.84 15.86 -4.93
CA ALA A 298 -7.05 14.91 -4.12
C ALA A 298 -5.99 14.18 -4.95
N LEU A 299 -6.37 13.74 -6.16
CA LEU A 299 -5.45 13.05 -7.07
C LEU A 299 -4.32 14.02 -7.42
N ASP A 300 -4.65 15.26 -7.73
CA ASP A 300 -3.59 16.25 -7.99
CA ASP A 300 -3.61 16.27 -7.99
C ASP A 300 -2.66 16.44 -6.81
N HIS A 301 -3.22 16.59 -5.61
CA HIS A 301 -2.46 16.73 -4.41
C HIS A 301 -1.51 15.56 -4.14
N SER A 302 -2.02 14.36 -4.31
CA SER A 302 -1.19 13.19 -4.05
C SER A 302 0.01 13.16 -4.97
N GLU A 303 -0.25 13.37 -6.23
CA GLU A 303 0.79 13.24 -7.19
C GLU A 303 1.81 14.40 -7.07
N GLN A 304 1.31 15.61 -6.89
CA GLN A 304 2.23 16.76 -6.83
C GLN A 304 3.00 16.85 -5.53
N THR A 305 2.33 16.61 -4.42
CA THR A 305 2.95 16.80 -3.11
C THR A 305 3.68 15.57 -2.62
N LYS A 306 3.41 14.44 -3.25
CA LYS A 306 3.81 13.10 -2.75
C LYS A 306 3.43 12.80 -1.30
N LEU A 307 2.54 13.57 -0.69
CA LEU A 307 2.09 13.30 0.63
C LEU A 307 0.96 12.29 0.53
N LYS A 308 0.92 11.39 1.49
CA LYS A 308 -0.11 10.36 1.51
C LYS A 308 -1.45 11.04 1.67
N THR A 309 -2.36 10.68 0.76
CA THR A 309 -3.64 11.28 0.63
C THR A 309 -4.75 10.21 0.67
N VAL A 310 -5.82 10.58 1.37
CA VAL A 310 -6.97 9.69 1.47
CA VAL A 310 -6.96 9.70 1.52
C VAL A 310 -8.24 10.51 1.29
N LEU A 311 -9.31 9.85 0.81
CA LEU A 311 -10.62 10.48 0.73
C LEU A 311 -11.48 9.97 1.85
N THR A 312 -12.37 10.81 2.39
CA THR A 312 -13.30 10.36 3.39
C THR A 312 -14.67 10.54 2.83
N LEU A 313 -15.55 9.62 3.23
CA LEU A 313 -16.94 9.81 2.97
C LEU A 313 -17.71 10.35 4.18
N ASN A 314 -17.01 10.56 5.30
CA ASN A 314 -17.67 10.99 6.54
C ASN A 314 -17.31 12.44 6.71
N GLU A 315 -17.63 13.24 5.70
CA GLU A 315 -17.65 14.71 5.83
C GLU A 315 -18.78 15.29 4.94
#